data_4EF1
#
_entry.id   4EF1
#
_cell.length_a   39.923
_cell.length_b   96.485
_cell.length_c   69.042
_cell.angle_alpha   90.000
_cell.angle_beta   100.550
_cell.angle_gamma   90.000
#
_symmetry.space_group_name_H-M   'P 1 21 1'
#
loop_
_entity.id
_entity.type
_entity.pdbx_description
1 polymer 'Pheromone cOB1/lipoprotein, YaeC family'
2 non-polymer SELENOMETHIONINE
3 water water
#
_entity_poly.entity_id   1
_entity_poly.type   'polypeptide(L)'
_entity_poly.pdbx_seq_one_letter_code
;GDDSVLKVGASPVPHAEILEHVKPLLEKEGVKLEVTTYTDYVLPNKALESGDIDANYFQHVPFFNEAVKENDYDFVNAGA
IHLEPVGLYSKKYKSLQEIPDGSTIYVSSSVSDWPRVLTILEDAGLITLKEGVDRTTATFDDIDKNTKKLKFNHESDPAI
(MSE)TTLYDNEEGAAVLINSNFAVDQGLNPKKDAIALEKESSPYANIIAVRKEDENNENVKKLVKVLRSKEVQDWITKK
WNGAIVPVNE
;
_entity_poly.pdbx_strand_id   A,B
#
# COMPACT_ATOMS: atom_id res chain seq x y z
N ASP A 2 6.38 -44.20 -4.87
CA ASP A 2 5.23 -43.83 -4.00
C ASP A 2 5.54 -43.63 -2.50
N ASP A 3 6.80 -43.83 -2.05
CA ASP A 3 7.05 -44.16 -0.62
C ASP A 3 8.15 -43.54 0.34
N SER A 4 8.97 -42.56 -0.04
CA SER A 4 9.80 -41.81 0.99
C SER A 4 8.91 -40.98 1.93
N VAL A 5 8.98 -41.18 3.25
CA VAL A 5 8.10 -40.47 4.19
C VAL A 5 8.56 -39.01 4.41
N LEU A 6 7.63 -38.08 4.46
CA LEU A 6 7.92 -36.67 4.78
C LEU A 6 6.87 -36.22 5.77
N LYS A 7 7.28 -35.99 7.00
CA LYS A 7 6.35 -35.59 8.08
C LYS A 7 6.32 -34.08 8.21
N VAL A 8 5.16 -33.47 7.96
CA VAL A 8 5.05 -31.99 8.03
C VAL A 8 4.07 -31.54 9.15
N GLY A 9 4.52 -30.63 10.01
CA GLY A 9 3.66 -30.08 11.07
C GLY A 9 2.99 -28.85 10.53
N ALA A 10 1.71 -28.64 10.87
CA ALA A 10 0.93 -27.53 10.27
C ALA A 10 -0.20 -27.04 11.15
N SER A 11 -0.64 -25.79 10.90
CA SER A 11 -1.83 -25.26 11.53
C SER A 11 -2.99 -26.03 10.88
N PRO A 12 -4.14 -26.17 11.57
CA PRO A 12 -5.27 -26.95 11.01
C PRO A 12 -5.80 -26.48 9.66
N VAL A 13 -5.99 -25.18 9.53
CA VAL A 13 -6.61 -24.59 8.35
C VAL A 13 -5.94 -23.26 8.09
N PRO A 14 -5.56 -22.97 6.83
CA PRO A 14 -5.69 -23.86 5.67
C PRO A 14 -4.54 -24.88 5.58
N HIS A 15 -3.49 -24.71 6.34
CA HIS A 15 -2.25 -25.47 6.11
C HIS A 15 -2.41 -26.97 6.05
N ALA A 16 -2.95 -27.60 7.11
CA ALA A 16 -3.10 -29.04 7.12
C ALA A 16 -4.06 -29.53 6.05
N GLU A 17 -5.09 -28.75 5.77
CA GLU A 17 -6.06 -29.11 4.69
C GLU A 17 -5.38 -29.02 3.29
N ILE A 18 -4.43 -28.10 3.12
CA ILE A 18 -3.65 -27.97 1.87
C ILE A 18 -2.77 -29.21 1.71
N LEU A 19 -2.06 -29.56 2.78
CA LEU A 19 -1.22 -30.76 2.83
C LEU A 19 -2.01 -32.06 2.52
N GLU A 20 -3.12 -32.25 3.20
CA GLU A 20 -3.96 -33.42 2.90
C GLU A 20 -4.29 -33.45 1.41
N HIS A 21 -4.71 -32.31 0.86
CA HIS A 21 -5.10 -32.21 -0.54
C HIS A 21 -4.04 -32.64 -1.52
N VAL A 22 -2.78 -32.31 -1.25
CA VAL A 22 -1.68 -32.64 -2.16
C VAL A 22 -1.07 -34.07 -1.94
N LYS A 23 -1.52 -34.82 -0.92
CA LYS A 23 -0.94 -36.18 -0.71
C LYS A 23 -0.91 -37.07 -1.98
N PRO A 24 -2.03 -37.14 -2.71
CA PRO A 24 -1.98 -37.98 -3.95
C PRO A 24 -0.96 -37.49 -5.01
N LEU A 25 -0.76 -36.17 -5.10
CA LEU A 25 0.26 -35.60 -6.01
C LEU A 25 1.68 -35.96 -5.56
N LEU A 26 1.95 -35.83 -4.26
CA LEU A 26 3.24 -36.21 -3.72
C LEU A 26 3.49 -37.71 -3.85
N GLU A 27 2.42 -38.51 -3.74
CA GLU A 27 2.53 -39.97 -3.87
C GLU A 27 3.04 -40.31 -5.30
N LYS A 28 2.55 -39.59 -6.31
CA LYS A 28 3.03 -39.73 -7.67
C LYS A 28 4.49 -39.35 -7.85
N GLU A 29 5.03 -38.50 -6.99
CA GLU A 29 6.45 -38.16 -7.00
C GLU A 29 7.28 -39.05 -6.03
N GLY A 30 6.69 -40.13 -5.53
CA GLY A 30 7.40 -41.05 -4.65
C GLY A 30 7.60 -40.55 -3.24
N VAL A 31 6.68 -39.70 -2.77
CA VAL A 31 6.74 -39.17 -1.40
C VAL A 31 5.44 -39.52 -0.66
N LYS A 32 5.56 -40.12 0.53
CA LYS A 32 4.42 -40.32 1.43
C LYS A 32 4.38 -39.16 2.43
N LEU A 33 3.48 -38.24 2.17
CA LEU A 33 3.30 -37.06 2.99
C LEU A 33 2.46 -37.43 4.23
N GLU A 34 2.95 -37.04 5.39
CA GLU A 34 2.23 -37.25 6.65
C GLU A 34 2.14 -35.93 7.39
N VAL A 35 0.98 -35.67 7.98
CA VAL A 35 0.70 -34.36 8.56
C VAL A 35 0.43 -34.48 10.06
N THR A 36 1.02 -33.59 10.85
CA THR A 36 0.76 -33.49 12.31
C THR A 36 0.20 -32.09 12.48
N THR A 37 -0.95 -31.96 13.14
CA THR A 37 -1.62 -30.65 13.34
CA THR A 37 -1.58 -30.64 13.33
C THR A 37 -1.23 -30.08 14.71
N TYR A 38 -0.95 -28.79 14.76
CA TYR A 38 -0.60 -28.02 15.96
C TYR A 38 -1.54 -26.81 16.06
N THR A 39 -1.98 -26.51 17.27
CA THR A 39 -2.93 -25.43 17.54
C THR A 39 -2.27 -24.12 17.98
N ASP A 40 -0.93 -24.09 18.01
CA ASP A 40 -0.21 -22.91 18.49
CA ASP A 40 -0.06 -23.04 18.59
C ASP A 40 0.95 -22.56 17.57
N TYR A 41 1.75 -21.55 17.98
CA TYR A 41 2.85 -21.08 17.15
C TYR A 41 4.24 -21.36 17.75
N VAL A 42 4.30 -22.14 18.83
CA VAL A 42 5.53 -22.50 19.49
C VAL A 42 5.87 -23.96 19.19
N LEU A 43 4.94 -24.87 19.46
CA LEU A 43 5.19 -26.31 19.35
C LEU A 43 5.65 -26.82 17.97
N PRO A 44 5.15 -26.26 16.87
CA PRO A 44 5.66 -26.68 15.53
C PRO A 44 7.15 -26.43 15.32
N ASN A 45 7.66 -25.33 15.87
CA ASN A 45 9.11 -25.10 15.87
C ASN A 45 9.85 -26.01 16.84
N LYS A 46 9.32 -26.21 18.06
CA LYS A 46 9.92 -27.17 19.00
CA LYS A 46 9.93 -27.16 19.00
C LYS A 46 10.00 -28.54 18.35
N ALA A 47 8.89 -28.97 17.75
CA ALA A 47 8.80 -30.27 17.08
C ALA A 47 9.81 -30.47 15.91
N LEU A 48 10.04 -29.42 15.12
CA LEU A 48 11.01 -29.45 14.04
C LEU A 48 12.42 -29.59 14.57
N GLU A 49 12.75 -28.85 15.63
CA GLU A 49 14.07 -29.01 16.22
C GLU A 49 14.28 -30.41 16.81
N SER A 50 13.25 -30.95 17.47
CA SER A 50 13.35 -32.24 18.13
C SER A 50 13.27 -33.41 17.17
N GLY A 51 12.81 -33.20 15.96
CA GLY A 51 12.66 -34.27 14.99
C GLY A 51 11.30 -34.96 15.03
N ASP A 52 10.35 -34.51 15.85
CA ASP A 52 8.97 -35.07 15.79
C ASP A 52 8.38 -34.93 14.40
N ILE A 53 8.81 -33.87 13.69
CA ILE A 53 8.44 -33.61 12.29
C ILE A 53 9.74 -33.28 11.47
N ASP A 54 9.68 -33.48 10.16
CA ASP A 54 10.78 -33.18 9.24
C ASP A 54 10.71 -31.75 8.68
N ALA A 55 9.53 -31.15 8.71
CA ALA A 55 9.30 -29.80 8.17
C ALA A 55 8.11 -29.19 8.91
N ASN A 56 7.98 -27.88 8.83
CA ASN A 56 6.73 -27.26 9.27
C ASN A 56 6.21 -26.25 8.26
N TYR A 57 4.92 -25.99 8.39
CA TYR A 57 4.17 -25.13 7.50
C TYR A 57 3.11 -24.39 8.35
N PHE A 58 3.47 -23.21 8.84
CA PHE A 58 2.59 -22.42 9.71
C PHE A 58 3.00 -20.94 9.86
N GLN A 59 4.26 -20.61 9.62
CA GLN A 59 4.80 -19.26 9.95
C GLN A 59 5.27 -18.47 8.76
N HIS A 60 5.28 -17.14 8.92
CA HIS A 60 5.86 -16.21 7.97
C HIS A 60 7.29 -15.87 8.38
N VAL A 61 8.05 -15.25 7.48
CA VAL A 61 9.49 -14.98 7.68
C VAL A 61 9.82 -14.07 8.88
N PRO A 62 9.06 -12.98 9.08
CA PRO A 62 9.37 -12.19 10.28
C PRO A 62 9.20 -12.98 11.60
N PHE A 63 8.17 -13.85 11.67
CA PHE A 63 7.97 -14.68 12.84
C PHE A 63 9.14 -15.68 12.94
N PHE A 64 9.44 -16.34 11.82
CA PHE A 64 10.55 -17.31 11.70
C PHE A 64 11.87 -16.69 12.25
N ASN A 65 12.21 -15.50 11.78
CA ASN A 65 13.48 -14.84 12.21
C ASN A 65 13.50 -14.56 13.72
N GLU A 66 12.38 -14.10 14.23
CA GLU A 66 12.28 -13.87 15.69
C GLU A 66 12.47 -15.18 16.48
N ALA A 67 11.80 -16.26 16.03
CA ALA A 67 11.88 -17.55 16.65
C ALA A 67 13.31 -18.11 16.61
N VAL A 68 14.01 -17.90 15.50
CA VAL A 68 15.38 -18.37 15.31
C VAL A 68 16.31 -17.64 16.25
N LYS A 69 16.11 -16.34 16.35
CA LYS A 69 16.95 -15.50 17.20
C LYS A 69 16.73 -15.83 18.69
N GLU A 70 15.46 -15.92 19.09
CA GLU A 70 15.08 -16.16 20.47
C GLU A 70 15.52 -17.52 20.98
N ASN A 71 15.40 -18.53 20.12
CA ASN A 71 15.58 -19.94 20.53
C ASN A 71 16.82 -20.64 19.99
N ASP A 72 17.67 -19.91 19.25
CA ASP A 72 18.87 -20.51 18.61
C ASP A 72 18.52 -21.70 17.72
N TYR A 73 17.36 -21.64 17.07
CA TYR A 73 16.98 -22.74 16.18
C TYR A 73 17.84 -22.70 14.92
N ASP A 74 18.41 -23.85 14.55
CA ASP A 74 19.24 -23.97 13.35
C ASP A 74 18.35 -24.47 12.19
N PHE A 75 17.50 -23.56 11.70
CA PHE A 75 16.54 -23.84 10.64
C PHE A 75 16.81 -23.01 9.39
N VAL A 76 16.15 -23.38 8.30
CA VAL A 76 16.18 -22.64 7.04
C VAL A 76 14.77 -22.54 6.42
N ASN A 77 14.59 -21.50 5.64
CA ASN A 77 13.37 -21.27 4.88
C ASN A 77 13.43 -22.02 3.56
N ALA A 78 12.58 -23.04 3.41
CA ALA A 78 12.50 -23.82 2.17
C ALA A 78 11.63 -23.18 1.07
N GLY A 79 10.87 -22.14 1.38
CA GLY A 79 10.14 -21.40 0.34
C GLY A 79 8.77 -20.94 0.81
N ALA A 80 8.36 -19.76 0.36
CA ALA A 80 7.04 -19.21 0.67
C ALA A 80 5.99 -19.94 -0.19
N ILE A 81 4.85 -20.17 0.42
CA ILE A 81 3.74 -20.88 -0.24
C ILE A 81 2.48 -20.01 -0.41
N HIS A 82 2.12 -19.24 0.59
CA HIS A 82 0.91 -18.41 0.56
C HIS A 82 0.88 -17.27 1.55
N LEU A 83 -0.02 -16.31 1.30
CA LEU A 83 -0.26 -15.13 2.15
C LEU A 83 -1.65 -15.24 2.79
N GLU A 84 -1.76 -14.67 3.99
CA GLU A 84 -3.03 -14.57 4.72
C GLU A 84 -3.24 -13.11 5.18
N PRO A 85 -3.77 -12.25 4.28
CA PRO A 85 -4.06 -10.86 4.64
C PRO A 85 -4.84 -10.85 5.93
N VAL A 86 -4.28 -10.21 6.95
CA VAL A 86 -4.82 -10.25 8.30
C VAL A 86 -5.90 -9.17 8.49
N GLY A 87 -6.93 -9.54 9.24
CA GLY A 87 -8.01 -8.62 9.55
C GLY A 87 -8.19 -8.23 11.00
N LEU A 88 -8.85 -7.09 11.18
CA LEU A 88 -9.36 -6.63 12.46
C LEU A 88 -10.84 -6.97 12.40
N TYR A 89 -11.35 -7.53 13.52
CA TYR A 89 -12.74 -7.99 13.64
C TYR A 89 -13.41 -7.39 14.88
N SER A 90 -14.72 -7.18 14.79
CA SER A 90 -15.53 -6.63 15.91
C SER A 90 -16.98 -6.98 15.67
N LYS A 91 -17.67 -7.44 16.70
CA LYS A 91 -19.08 -7.62 16.62
C LYS A 91 -19.83 -6.31 16.84
N LYS A 92 -19.25 -5.36 17.58
CA LYS A 92 -19.96 -4.13 17.97
C LYS A 92 -19.79 -2.97 16.98
N TYR A 93 -18.58 -2.80 16.47
CA TYR A 93 -18.27 -1.71 15.56
C TYR A 93 -17.98 -2.26 14.16
N LYS A 94 -18.74 -1.80 13.16
CA LYS A 94 -18.65 -2.36 11.79
C LYS A 94 -17.71 -1.61 10.84
N SER A 95 -17.13 -0.52 11.32
CA SER A 95 -16.10 0.21 10.59
CA SER A 95 -16.11 0.20 10.59
C SER A 95 -15.15 0.82 11.58
N LEU A 96 -13.91 0.99 11.16
CA LEU A 96 -12.90 1.63 12.01
C LEU A 96 -13.33 3.04 12.40
N GLN A 97 -13.97 3.78 11.48
CA GLN A 97 -14.35 5.18 11.73
C GLN A 97 -15.39 5.36 12.87
N GLU A 98 -16.19 4.32 13.09
CA GLU A 98 -17.18 4.26 14.19
C GLU A 98 -16.58 4.04 15.56
N ILE A 99 -15.35 3.54 15.64
CA ILE A 99 -14.69 3.26 16.93
C ILE A 99 -14.53 4.53 17.79
N PRO A 100 -15.02 4.48 19.06
CA PRO A 100 -14.88 5.62 19.93
C PRO A 100 -13.45 5.98 20.26
N ASP A 101 -13.20 7.24 20.54
CA ASP A 101 -11.89 7.66 20.98
C ASP A 101 -11.52 6.90 22.26
N GLY A 102 -10.25 6.57 22.40
CA GLY A 102 -9.80 5.86 23.57
C GLY A 102 -10.13 4.39 23.65
N SER A 103 -10.67 3.82 22.57
CA SER A 103 -10.96 2.42 22.52
C SER A 103 -9.64 1.64 22.53
N THR A 104 -9.71 0.41 23.02
CA THR A 104 -8.61 -0.53 23.04
C THR A 104 -8.75 -1.51 21.85
N ILE A 105 -7.64 -1.64 21.12
CA ILE A 105 -7.51 -2.58 20.03
C ILE A 105 -6.67 -3.73 20.59
N TYR A 106 -7.20 -4.95 20.48
CA TYR A 106 -6.55 -6.17 20.97
C TYR A 106 -5.81 -6.88 19.86
N VAL A 107 -4.51 -7.10 20.10
CA VAL A 107 -3.63 -7.81 19.16
CA VAL A 107 -3.58 -7.74 19.19
C VAL A 107 -2.90 -8.88 19.98
N SER A 108 -2.41 -9.94 19.31
CA SER A 108 -1.67 -10.96 20.05
C SER A 108 -0.32 -10.45 20.58
N SER A 109 0.34 -11.24 21.42
CA SER A 109 1.68 -10.95 21.93
C SER A 109 2.80 -11.20 20.92
N SER A 110 2.47 -11.66 19.71
CA SER A 110 3.45 -11.97 18.70
C SER A 110 3.90 -10.67 18.03
N VAL A 111 5.10 -10.21 18.41
CA VAL A 111 5.60 -8.88 18.03
C VAL A 111 5.74 -8.69 16.53
N SER A 112 6.05 -9.78 15.83
CA SER A 112 6.22 -9.69 14.39
C SER A 112 4.90 -9.38 13.62
N ASP A 113 3.72 -9.54 14.24
CA ASP A 113 2.44 -9.16 13.62
C ASP A 113 2.04 -7.72 13.98
N TRP A 114 2.76 -7.09 14.89
CA TRP A 114 2.41 -5.71 15.31
C TRP A 114 2.42 -4.71 14.20
N PRO A 115 3.43 -4.76 13.30
CA PRO A 115 3.41 -3.85 12.17
C PRO A 115 2.19 -3.94 11.25
N ARG A 116 1.53 -5.08 11.23
CA ARG A 116 0.38 -5.35 10.40
C ARG A 116 -0.87 -4.58 10.87
N VAL A 117 -1.14 -4.56 12.17
CA VAL A 117 -2.24 -3.75 12.70
C VAL A 117 -1.90 -2.26 12.52
N LEU A 118 -0.61 -1.90 12.72
CA LEU A 118 -0.17 -0.53 12.49
C LEU A 118 -0.37 -0.09 11.02
N THR A 119 -0.04 -0.97 10.03
CA THR A 119 -0.25 -0.65 8.61
CA THR A 119 -0.23 -0.64 8.62
C THR A 119 -1.76 -0.55 8.31
N ILE A 120 -2.56 -1.41 8.92
CA ILE A 120 -4.02 -1.33 8.71
C ILE A 120 -4.56 0.05 9.18
N LEU A 121 -4.19 0.45 10.41
CA LEU A 121 -4.65 1.70 10.98
C LEU A 121 -4.09 2.95 10.19
N GLU A 122 -2.84 2.85 9.73
CA GLU A 122 -2.26 3.87 8.83
C GLU A 122 -3.04 3.97 7.50
N ASP A 123 -3.31 2.83 6.85
CA ASP A 123 -4.08 2.83 5.59
C ASP A 123 -5.44 3.49 5.78
N ALA A 124 -6.06 3.25 6.94
CA ALA A 124 -7.34 3.85 7.31
C ALA A 124 -7.24 5.34 7.69
N GLY A 125 -6.03 5.87 7.81
CA GLY A 125 -5.85 7.26 8.15
C GLY A 125 -6.00 7.58 9.63
N LEU A 126 -5.95 6.56 10.49
CA LEU A 126 -6.12 6.75 11.98
C LEU A 126 -4.83 6.93 12.74
N ILE A 127 -3.72 6.44 12.22
CA ILE A 127 -2.42 6.68 12.82
C ILE A 127 -1.34 6.98 11.78
N THR A 128 -0.25 7.61 12.24
CA THR A 128 0.97 7.71 11.46
C THR A 128 2.12 7.19 12.35
N LEU A 129 3.23 6.78 11.74
CA LEU A 129 4.42 6.34 12.50
C LEU A 129 5.43 7.46 12.49
N LYS A 130 6.27 7.54 13.51
CA LYS A 130 7.26 8.63 13.63
C LYS A 130 8.22 8.64 12.44
N GLU A 131 8.69 9.85 12.11
CA GLU A 131 9.75 10.08 11.13
C GLU A 131 10.99 9.31 11.54
N GLY A 132 11.56 8.56 10.61
CA GLY A 132 12.78 7.81 10.84
C GLY A 132 12.57 6.59 11.70
N VAL A 133 11.35 6.06 11.68
CA VAL A 133 11.04 4.81 12.35
C VAL A 133 11.57 3.69 11.47
N ASP A 134 12.10 2.65 12.11
CA ASP A 134 12.40 1.44 11.41
C ASP A 134 11.07 0.70 11.22
N ARG A 135 10.46 0.84 10.04
CA ARG A 135 9.14 0.19 9.75
C ARG A 135 9.12 -1.33 9.74
N THR A 136 10.29 -1.93 9.57
CA THR A 136 10.44 -3.38 9.54
C THR A 136 10.12 -4.02 10.91
N THR A 137 10.46 -3.32 11.99
CA THR A 137 10.27 -3.77 13.38
C THR A 137 9.34 -2.81 14.15
N ALA A 138 8.28 -2.29 13.50
CA ALA A 138 7.44 -1.27 14.11
C ALA A 138 6.73 -1.80 15.34
N THR A 139 6.70 -0.97 16.39
CA THR A 139 5.94 -1.25 17.61
C THR A 139 5.06 -0.05 17.93
N PHE A 140 4.26 -0.20 18.98
CA PHE A 140 3.26 0.81 19.37
C PHE A 140 3.92 2.11 19.81
N ASP A 141 5.13 2.01 20.34
CA ASP A 141 5.93 3.17 20.67
C ASP A 141 6.31 4.03 19.45
N ASP A 142 6.22 3.47 18.25
CA ASP A 142 6.58 4.21 17.04
C ASP A 142 5.44 5.08 16.49
N ILE A 143 4.27 5.01 17.12
CA ILE A 143 3.15 5.82 16.70
C ILE A 143 3.42 7.29 16.95
N ASP A 144 3.11 8.09 15.93
CA ASP A 144 3.16 9.53 15.98
C ASP A 144 1.73 10.08 16.07
N LYS A 145 1.01 10.25 14.95
CA LYS A 145 -0.39 10.67 14.99
C LYS A 145 -1.24 9.48 15.43
N ASN A 146 -2.21 9.73 16.32
CA ASN A 146 -3.21 8.74 16.79
C ASN A 146 -4.51 9.54 16.96
N THR A 147 -5.27 9.64 15.87
CA THR A 147 -6.44 10.53 15.80
CA THR A 147 -6.43 10.55 15.81
C THR A 147 -7.52 10.17 16.83
N LYS A 148 -7.78 8.88 16.99
CA LYS A 148 -8.79 8.42 17.95
C LYS A 148 -8.20 8.08 19.33
N LYS A 149 -6.92 8.36 19.56
CA LYS A 149 -6.23 8.06 20.81
C LYS A 149 -6.46 6.60 21.22
N LEU A 150 -6.26 5.71 20.26
CA LEU A 150 -6.44 4.31 20.46
C LEU A 150 -5.41 3.74 21.43
N LYS A 151 -5.88 2.81 22.23
CA LYS A 151 -5.06 2.06 23.14
C LYS A 151 -4.84 0.69 22.55
N PHE A 152 -3.73 0.07 22.92
CA PHE A 152 -3.43 -1.28 22.43
C PHE A 152 -3.17 -2.29 23.55
N ASN A 153 -3.87 -3.42 23.51
CA ASN A 153 -3.57 -4.54 24.41
C ASN A 153 -2.95 -5.67 23.58
N HIS A 154 -1.69 -5.99 23.89
CA HIS A 154 -0.91 -7.05 23.20
C HIS A 154 -0.46 -8.18 24.14
N GLU A 155 -1.31 -8.52 25.10
CA GLU A 155 -0.95 -9.52 26.13
C GLU A 155 -1.31 -10.97 25.78
N SER A 156 -2.33 -11.19 24.96
CA SER A 156 -2.86 -12.52 24.73
C SER A 156 -2.19 -13.33 23.61
N ASP A 157 -2.22 -14.65 23.77
CA ASP A 157 -1.67 -15.57 22.79
C ASP A 157 -2.46 -15.53 21.50
N PRO A 158 -1.79 -15.72 20.35
CA PRO A 158 -2.47 -15.79 19.09
C PRO A 158 -3.65 -16.78 19.02
N ALA A 159 -3.53 -17.93 19.66
CA ALA A 159 -4.61 -18.93 19.69
C ALA A 159 -5.88 -18.47 20.45
N ILE A 160 -5.82 -17.40 21.24
CA ILE A 160 -7.04 -17.00 21.97
C ILE A 160 -7.72 -15.74 21.40
N THR A 162 -9.55 -15.31 18.77
CA THR A 162 -10.94 -15.58 18.43
C THR A 162 -11.87 -15.58 19.66
N THR A 163 -11.35 -15.98 20.81
CA THR A 163 -12.13 -15.91 22.06
C THR A 163 -12.41 -14.47 22.46
N LEU A 164 -11.38 -13.63 22.41
CA LEU A 164 -11.54 -12.20 22.70
C LEU A 164 -12.63 -11.56 21.78
N TYR A 165 -12.59 -11.91 20.51
CA TYR A 165 -13.57 -11.44 19.55
C TYR A 165 -14.98 -11.92 19.92
N ASP A 166 -15.10 -13.23 20.21
CA ASP A 166 -16.39 -13.82 20.53
CA ASP A 166 -16.37 -13.85 20.60
C ASP A 166 -16.96 -13.22 21.86
N ASN A 167 -16.11 -12.98 22.86
CA ASN A 167 -16.50 -12.37 24.13
C ASN A 167 -16.66 -10.84 24.05
N GLU A 168 -16.40 -10.25 22.88
CA GLU A 168 -16.54 -8.81 22.65
C GLU A 168 -15.67 -7.98 23.59
N GLU A 169 -14.43 -8.42 23.76
CA GLU A 169 -13.42 -7.67 24.53
C GLU A 169 -12.71 -6.71 23.61
N GLY A 170 -12.68 -5.44 24.00
CA GLY A 170 -12.11 -4.38 23.17
C GLY A 170 -13.01 -3.96 22.03
N ALA A 171 -12.65 -2.86 21.38
CA ALA A 171 -13.44 -2.36 20.22
C ALA A 171 -13.20 -3.21 18.96
N ALA A 172 -12.01 -3.79 18.85
CA ALA A 172 -11.68 -4.66 17.69
C ALA A 172 -10.48 -5.56 18.05
N VAL A 173 -10.36 -6.68 17.33
CA VAL A 173 -9.40 -7.73 17.62
C VAL A 173 -8.67 -8.11 16.32
N LEU A 174 -7.32 -8.11 16.30
CA LEU A 174 -6.54 -8.68 15.16
C LEU A 174 -6.47 -10.22 15.29
N ILE A 175 -6.98 -10.96 14.32
CA ILE A 175 -7.01 -12.41 14.37
C ILE A 175 -6.24 -12.94 13.15
N ASN A 176 -5.19 -13.75 13.35
CA ASN A 176 -4.48 -14.34 12.21
C ASN A 176 -5.51 -15.18 11.43
N SER A 177 -5.46 -15.12 10.12
CA SER A 177 -6.48 -15.75 9.26
C SER A 177 -6.63 -17.25 9.43
N ASN A 178 -5.54 -17.94 9.76
CA ASN A 178 -5.60 -19.40 10.00
C ASN A 178 -6.61 -19.71 11.10
N PHE A 179 -6.55 -18.92 12.17
CA PHE A 179 -7.50 -19.08 13.27
C PHE A 179 -8.91 -18.58 12.91
N ALA A 180 -8.99 -17.44 12.23
CA ALA A 180 -10.26 -16.84 11.86
C ALA A 180 -11.04 -17.75 10.95
N VAL A 181 -10.37 -18.24 9.90
CA VAL A 181 -11.00 -19.16 8.94
C VAL A 181 -11.46 -20.45 9.59
N ASP A 182 -10.66 -21.00 10.48
CA ASP A 182 -11.05 -22.23 11.17
C ASP A 182 -12.33 -22.03 12.03
N GLN A 183 -12.52 -20.85 12.60
CA GLN A 183 -13.71 -20.52 13.37
C GLN A 183 -14.88 -20.01 12.51
N GLY A 184 -14.77 -20.13 11.18
CA GLY A 184 -15.87 -19.76 10.29
C GLY A 184 -15.96 -18.31 9.90
N LEU A 185 -14.90 -17.52 10.16
CA LEU A 185 -14.86 -16.16 9.72
C LEU A 185 -14.27 -16.11 8.30
N ASN A 186 -14.80 -15.23 7.47
CA ASN A 186 -14.24 -14.98 6.12
C ASN A 186 -13.59 -13.61 6.18
N PRO A 187 -12.25 -13.55 6.19
CA PRO A 187 -11.53 -12.26 6.23
C PRO A 187 -11.97 -11.22 5.21
N LYS A 188 -12.29 -11.63 3.99
CA LYS A 188 -12.65 -10.68 2.95
C LYS A 188 -14.07 -10.12 3.03
N LYS A 189 -14.89 -10.67 3.94
CA LYS A 189 -16.25 -10.24 4.13
C LYS A 189 -16.54 -9.80 5.57
N ASP A 190 -16.01 -10.53 6.56
CA ASP A 190 -16.27 -10.30 7.98
C ASP A 190 -15.38 -9.27 8.63
N ALA A 191 -14.17 -9.12 8.16
CA ALA A 191 -13.20 -8.16 8.80
C ALA A 191 -13.66 -6.71 8.62
N ILE A 192 -13.51 -5.85 9.64
CA ILE A 192 -13.86 -4.41 9.48
C ILE A 192 -12.76 -3.65 8.72
N ALA A 193 -11.56 -4.20 8.69
CA ALA A 193 -10.40 -3.61 7.99
C ALA A 193 -9.48 -4.78 7.72
N LEU A 194 -8.88 -4.80 6.54
CA LEU A 194 -8.02 -5.89 6.10
C LEU A 194 -6.67 -5.36 5.60
N GLU A 195 -5.62 -6.05 5.92
CA GLU A 195 -4.26 -5.76 5.44
C GLU A 195 -4.24 -5.78 3.92
N LYS A 196 -3.54 -4.81 3.33
CA LYS A 196 -3.62 -4.69 1.88
C LYS A 196 -2.43 -5.30 1.18
N GLU A 197 -1.23 -5.07 1.69
CA GLU A 197 -0.01 -5.63 1.09
C GLU A 197 0.60 -6.63 2.11
N SER A 198 0.34 -7.93 1.86
CA SER A 198 0.73 -8.99 2.79
CA SER A 198 0.72 -8.98 2.79
C SER A 198 1.99 -9.73 2.38
N SER A 199 2.63 -9.28 1.28
CA SER A 199 3.78 -9.97 0.67
CA SER A 199 3.81 -9.97 0.67
C SER A 199 4.88 -10.41 1.66
N PRO A 200 5.31 -9.50 2.56
CA PRO A 200 6.34 -9.90 3.52
C PRO A 200 5.88 -10.97 4.52
N TYR A 201 4.58 -11.20 4.62
CA TYR A 201 4.02 -12.17 5.54
C TYR A 201 3.60 -13.49 4.87
N ALA A 202 4.28 -13.88 3.82
CA ALA A 202 4.04 -15.19 3.16
C ALA A 202 4.40 -16.31 4.17
N ASN A 203 3.56 -17.30 4.24
CA ASN A 203 3.77 -18.46 5.09
C ASN A 203 4.70 -19.43 4.35
N ILE A 204 5.65 -20.01 5.09
CA ILE A 204 6.71 -20.80 4.49
C ILE A 204 6.76 -22.26 4.94
N ILE A 205 7.53 -23.03 4.19
CA ILE A 205 7.95 -24.37 4.62
C ILE A 205 9.30 -24.13 5.28
N ALA A 206 9.46 -24.59 6.51
CA ALA A 206 10.75 -24.45 7.23
C ALA A 206 11.27 -25.86 7.53
N VAL A 207 12.58 -26.04 7.50
CA VAL A 207 13.25 -27.32 7.80
C VAL A 207 14.50 -27.05 8.60
N ARG A 208 15.11 -28.10 9.17
CA ARG A 208 16.39 -27.96 9.86
C ARG A 208 17.45 -27.70 8.80
N LYS A 209 18.50 -26.98 9.17
CA LYS A 209 19.55 -26.61 8.22
C LYS A 209 20.17 -27.80 7.48
N GLU A 210 20.41 -28.91 8.18
CA GLU A 210 20.96 -30.10 7.52
C GLU A 210 20.09 -30.67 6.36
N ASP A 211 18.80 -30.38 6.36
CA ASP A 211 17.87 -30.75 5.31
C ASP A 211 17.57 -29.66 4.26
N GLU A 212 18.40 -28.62 4.22
CA GLU A 212 18.24 -27.48 3.30
C GLU A 212 18.14 -27.91 1.84
N ASN A 213 18.90 -28.93 1.46
CA ASN A 213 18.88 -29.43 0.09
C ASN A 213 18.09 -30.71 -0.10
N ASN A 214 17.18 -31.01 0.81
CA ASN A 214 16.42 -32.25 0.76
C ASN A 214 15.53 -32.21 -0.45
N GLU A 215 15.66 -33.20 -1.32
CA GLU A 215 14.93 -33.26 -2.60
C GLU A 215 13.45 -33.41 -2.37
N ASN A 216 13.07 -34.14 -1.34
CA ASN A 216 11.63 -34.37 -1.06
C ASN A 216 10.92 -33.12 -0.59
N VAL A 217 11.64 -32.29 0.18
CA VAL A 217 11.11 -31.00 0.58
C VAL A 217 10.87 -30.13 -0.66
N LYS A 218 11.82 -30.16 -1.60
CA LYS A 218 11.71 -29.40 -2.84
CA LYS A 218 11.71 -29.40 -2.85
C LYS A 218 10.52 -29.88 -3.69
N LYS A 219 10.29 -31.18 -3.72
CA LYS A 219 9.14 -31.74 -4.45
C LYS A 219 7.83 -31.19 -3.87
N LEU A 220 7.76 -31.15 -2.54
CA LEU A 220 6.63 -30.59 -1.82
C LEU A 220 6.41 -29.15 -2.14
N VAL A 221 7.45 -28.34 -2.05
CA VAL A 221 7.31 -26.91 -2.38
C VAL A 221 6.81 -26.70 -3.81
N LYS A 222 7.33 -27.48 -4.76
CA LYS A 222 6.95 -27.31 -6.15
C LYS A 222 5.47 -27.68 -6.32
N VAL A 223 5.04 -28.78 -5.68
CA VAL A 223 3.63 -29.26 -5.81
C VAL A 223 2.70 -28.23 -5.17
N LEU A 224 3.10 -27.71 -4.01
CA LEU A 224 2.33 -26.66 -3.34
C LEU A 224 2.18 -25.35 -4.14
N ARG A 225 3.16 -25.03 -4.98
CA ARG A 225 3.10 -23.85 -5.87
C ARG A 225 2.55 -24.15 -7.26
N SER A 226 2.27 -25.43 -7.59
CA SER A 226 1.81 -25.74 -8.95
C SER A 226 0.45 -25.09 -9.23
N LYS A 227 0.19 -24.76 -10.49
CA LYS A 227 -1.00 -24.03 -10.88
C LYS A 227 -2.29 -24.70 -10.40
N GLU A 228 -2.40 -26.03 -10.58
CA GLU A 228 -3.64 -26.75 -10.19
C GLU A 228 -3.88 -26.63 -8.65
N VAL A 229 -2.82 -26.65 -7.85
CA VAL A 229 -2.96 -26.55 -6.39
C VAL A 229 -3.28 -25.11 -6.00
N GLN A 230 -2.57 -24.13 -6.58
CA GLN A 230 -2.87 -22.71 -6.31
C GLN A 230 -4.32 -22.34 -6.64
N ASP A 231 -4.84 -22.82 -7.77
CA ASP A 231 -6.26 -22.58 -8.15
C ASP A 231 -7.22 -23.20 -7.13
N TRP A 232 -6.92 -24.41 -6.68
CA TRP A 232 -7.75 -25.07 -5.66
C TRP A 232 -7.78 -24.26 -4.39
N ILE A 233 -6.62 -23.78 -3.96
CA ILE A 233 -6.50 -22.94 -2.78
C ILE A 233 -7.36 -21.67 -2.93
N THR A 234 -7.22 -21.00 -4.06
CA THR A 234 -7.98 -19.78 -4.36
C THR A 234 -9.50 -20.01 -4.36
N LYS A 235 -9.94 -21.15 -4.89
CA LYS A 235 -11.36 -21.50 -4.93
C LYS A 235 -11.87 -21.88 -3.55
N LYS A 236 -11.11 -22.69 -2.81
CA LYS A 236 -11.53 -23.20 -1.52
C LYS A 236 -11.88 -22.13 -0.50
N TRP A 237 -11.00 -21.15 -0.31
CA TRP A 237 -11.21 -20.10 0.68
C TRP A 237 -11.54 -18.75 0.11
N ASN A 238 -11.96 -18.73 -1.15
CA ASN A 238 -12.43 -17.55 -1.87
C ASN A 238 -11.56 -16.33 -1.76
N GLY A 239 -10.26 -16.52 -1.96
CA GLY A 239 -9.31 -15.42 -1.93
C GLY A 239 -8.76 -14.99 -0.60
N ALA A 240 -9.24 -15.52 0.52
CA ALA A 240 -8.68 -15.18 1.83
C ALA A 240 -7.26 -15.74 2.01
N ILE A 241 -6.98 -16.84 1.30
CA ILE A 241 -5.65 -17.50 1.31
C ILE A 241 -5.10 -17.27 -0.09
N VAL A 242 -3.94 -16.62 -0.19
CA VAL A 242 -3.45 -16.12 -1.50
C VAL A 242 -2.14 -16.85 -1.83
N PRO A 243 -2.20 -17.79 -2.77
CA PRO A 243 -0.98 -18.50 -3.16
C PRO A 243 0.09 -17.55 -3.70
N VAL A 244 1.35 -17.83 -3.38
CA VAL A 244 2.49 -17.11 -3.98
C VAL A 244 3.43 -18.09 -4.67
N ASN A 245 4.20 -17.57 -5.62
CA ASN A 245 5.17 -18.33 -6.42
C ASN A 245 6.64 -18.24 -5.97
N GLU A 246 6.93 -17.38 -5.00
CA GLU A 246 8.29 -17.14 -4.58
C GLU A 246 8.21 -16.49 -3.21
N ASP B 2 -9.87 37.06 17.08
CA ASP B 2 -10.89 35.97 16.91
C ASP B 2 -10.73 35.20 15.59
N ASP B 3 -9.49 35.00 15.11
CA ASP B 3 -9.21 34.43 13.75
C ASP B 3 -9.87 33.10 13.44
N SER B 4 -10.55 33.02 12.30
CA SER B 4 -11.24 31.79 11.86
C SER B 4 -10.24 30.70 11.39
N VAL B 5 -10.34 29.51 11.97
CA VAL B 5 -9.44 28.40 11.63
C VAL B 5 -9.82 27.77 10.28
N LEU B 6 -8.82 27.46 9.45
CA LEU B 6 -9.03 26.75 8.19
C LEU B 6 -7.97 25.66 8.12
N LYS B 7 -8.39 24.40 8.16
CA LYS B 7 -7.49 23.25 8.18
C LYS B 7 -7.39 22.67 6.79
N VAL B 8 -6.21 22.73 6.21
CA VAL B 8 -5.99 22.26 4.83
C VAL B 8 -5.06 21.02 4.80
N GLY B 9 -5.52 19.93 4.17
CA GLY B 9 -4.68 18.75 4.00
C GLY B 9 -3.89 18.92 2.69
N ALA B 10 -2.63 18.48 2.69
CA ALA B 10 -1.69 18.77 1.58
C ALA B 10 -0.57 17.78 1.47
N SER B 11 -0.05 17.63 0.25
CA SER B 11 1.14 16.84 -0.02
C SER B 11 2.30 17.65 0.58
N PRO B 12 3.37 16.99 1.05
CA PRO B 12 4.45 17.70 1.74
C PRO B 12 5.08 18.84 0.96
N VAL B 13 5.38 18.58 -0.30
CA VAL B 13 6.14 19.55 -1.12
C VAL B 13 5.65 19.45 -2.56
N PRO B 14 5.31 20.61 -3.20
CA PRO B 14 5.38 21.96 -2.66
C PRO B 14 4.18 22.36 -1.80
N HIS B 15 3.09 21.60 -1.85
CA HIS B 15 1.82 22.08 -1.30
C HIS B 15 1.88 22.56 0.13
N ALA B 16 2.32 21.71 1.05
CA ALA B 16 2.36 22.08 2.47
C ALA B 16 3.36 23.22 2.72
N GLU B 17 4.44 23.24 1.95
CA GLU B 17 5.45 24.35 2.10
C GLU B 17 4.87 25.70 1.59
N ILE B 18 4.02 25.63 0.58
CA ILE B 18 3.33 26.80 0.07
C ILE B 18 2.38 27.33 1.15
N LEU B 19 1.56 26.43 1.70
CA LEU B 19 0.60 26.75 2.80
C LEU B 19 1.27 27.34 4.02
N GLU B 20 2.34 26.71 4.50
CA GLU B 20 3.14 27.31 5.58
C GLU B 20 3.57 28.73 5.25
N HIS B 21 4.09 28.93 4.03
CA HIS B 21 4.59 30.23 3.61
C HIS B 21 3.52 31.32 3.61
N VAL B 22 2.29 30.97 3.30
CA VAL B 22 1.21 31.98 3.24
C VAL B 22 0.46 32.17 4.57
N LYS B 23 0.77 31.40 5.61
CA LYS B 23 0.11 31.62 6.92
C LYS B 23 0.07 33.10 7.42
N PRO B 24 1.19 33.81 7.37
CA PRO B 24 1.15 35.22 7.84
C PRO B 24 0.23 36.11 6.96
N LEU B 25 0.15 35.82 5.66
CA LEU B 25 -0.76 36.54 4.75
C LEU B 25 -2.22 36.24 5.08
N LEU B 26 -2.53 34.98 5.33
CA LEU B 26 -3.91 34.61 5.75
C LEU B 26 -4.25 35.18 7.14
N GLU B 27 -3.27 35.25 8.02
CA GLU B 27 -3.48 35.81 9.36
C GLU B 27 -3.90 37.27 9.23
N LYS B 28 -3.31 37.99 8.28
CA LYS B 28 -3.72 39.40 8.02
C LYS B 28 -5.15 39.52 7.52
N GLU B 29 -5.70 38.48 6.90
CA GLU B 29 -7.10 38.45 6.48
C GLU B 29 -8.04 37.83 7.54
N GLY B 30 -7.54 37.64 8.76
CA GLY B 30 -8.32 37.07 9.84
C GLY B 30 -8.57 35.58 9.74
N VAL B 31 -7.64 34.87 9.09
CA VAL B 31 -7.74 33.41 8.98
C VAL B 31 -6.53 32.75 9.61
N LYS B 32 -6.74 31.78 10.49
CA LYS B 32 -5.66 30.97 11.04
C LYS B 32 -5.56 29.66 10.23
N LEU B 33 -4.57 29.62 9.35
CA LEU B 33 -4.36 28.50 8.45
C LEU B 33 -3.62 27.38 9.20
N GLU B 34 -4.12 26.15 9.08
CA GLU B 34 -3.51 25.00 9.72
C GLU B 34 -3.39 23.89 8.67
N VAL B 35 -2.26 23.19 8.69
CA VAL B 35 -1.92 22.26 7.63
C VAL B 35 -1.77 20.83 8.18
N THR B 36 -2.35 19.85 7.48
CA THR B 36 -2.15 18.42 7.84
C THR B 36 -1.49 17.83 6.62
N THR B 37 -0.34 17.16 6.76
CA THR B 37 0.37 16.61 5.62
CA THR B 37 0.32 16.60 5.58
C THR B 37 -0.08 15.14 5.40
N TYR B 38 -0.23 14.75 4.16
CA TYR B 38 -0.56 13.38 3.74
C TYR B 38 0.48 12.94 2.71
N THR B 39 0.92 11.69 2.82
CA THR B 39 1.93 11.10 1.94
C THR B 39 1.35 10.32 0.72
N ASP B 40 0.02 10.28 0.58
CA ASP B 40 -0.66 9.52 -0.47
C ASP B 40 -1.74 10.34 -1.16
N TYR B 41 -2.51 9.70 -2.06
CA TYR B 41 -3.53 10.37 -2.83
C TYR B 41 -4.97 9.96 -2.50
N VAL B 42 -5.15 9.10 -1.50
CA VAL B 42 -6.47 8.59 -1.08
C VAL B 42 -6.90 9.28 0.19
N LEU B 43 -6.06 9.26 1.22
CA LEU B 43 -6.42 9.81 2.53
C LEU B 43 -6.82 11.32 2.58
N PRO B 44 -6.21 12.19 1.76
CA PRO B 44 -6.64 13.61 1.77
C PRO B 44 -8.11 13.78 1.33
N ASN B 45 -8.57 12.95 0.42
CA ASN B 45 -10.02 12.94 0.07
C ASN B 45 -10.86 12.30 1.16
N LYS B 46 -10.40 11.17 1.75
CA LYS B 46 -11.13 10.55 2.88
C LYS B 46 -11.28 11.53 4.03
N ALA B 47 -10.18 12.24 4.32
CA ALA B 47 -10.13 13.27 5.40
C ALA B 47 -11.07 14.48 5.16
N LEU B 48 -11.22 14.87 3.91
CA LEU B 48 -12.11 15.99 3.57
C LEU B 48 -13.55 15.51 3.74
N GLU B 49 -13.86 14.30 3.32
CA GLU B 49 -15.21 13.79 3.49
C GLU B 49 -15.56 13.62 4.98
N SER B 50 -14.63 13.13 5.78
CA SER B 50 -14.88 12.93 7.24
C SER B 50 -14.85 14.21 8.05
N GLY B 51 -14.25 15.27 7.53
CA GLY B 51 -14.08 16.53 8.32
C GLY B 51 -12.78 16.63 9.11
N ASP B 52 -11.88 15.67 9.01
CA ASP B 52 -10.54 15.81 9.63
CA ASP B 52 -10.51 15.79 9.58
C ASP B 52 -9.80 17.05 9.11
N ILE B 53 -10.12 17.45 7.87
CA ILE B 53 -9.66 18.70 7.28
C ILE B 53 -10.90 19.43 6.62
N ASP B 54 -10.78 20.72 6.43
CA ASP B 54 -11.82 21.55 5.80
C ASP B 54 -11.67 21.67 4.30
N ALA B 55 -10.45 21.42 3.83
CA ALA B 55 -10.08 21.62 2.43
C ALA B 55 -8.88 20.76 2.14
N ASN B 56 -8.66 20.45 0.86
CA ASN B 56 -7.41 19.82 0.49
C ASN B 56 -6.74 20.48 -0.72
N TYR B 57 -5.45 20.25 -0.79
CA TYR B 57 -4.59 20.83 -1.77
C TYR B 57 -3.54 19.77 -2.15
N PHE B 58 -3.87 18.98 -3.17
CA PHE B 58 -2.97 17.90 -3.60
C PHE B 58 -3.29 17.31 -5.01
N GLN B 59 -4.51 17.47 -5.51
CA GLN B 59 -4.95 16.80 -6.74
C GLN B 59 -5.27 17.75 -7.88
N HIS B 60 -5.21 17.21 -9.12
CA HIS B 60 -5.69 17.89 -10.32
C HIS B 60 -7.08 17.44 -10.66
N VAL B 61 -7.75 18.16 -11.55
CA VAL B 61 -9.17 17.94 -11.88
C VAL B 61 -9.46 16.56 -12.45
N PRO B 62 -8.60 16.04 -13.34
CA PRO B 62 -8.97 14.66 -13.79
C PRO B 62 -8.93 13.62 -12.66
N PHE B 63 -8.01 13.77 -11.73
CA PHE B 63 -7.93 12.88 -10.56
C PHE B 63 -9.18 13.10 -9.70
N PHE B 64 -9.47 14.37 -9.42
CA PHE B 64 -10.66 14.77 -8.65
C PHE B 64 -11.94 14.11 -9.22
N ASN B 65 -12.14 14.26 -10.52
CA ASN B 65 -13.33 13.69 -11.21
C ASN B 65 -13.38 12.17 -11.09
N GLU B 66 -12.25 11.51 -11.30
CA GLU B 66 -12.15 10.03 -11.08
C GLU B 66 -12.53 9.64 -9.64
N ALA B 67 -12.00 10.39 -8.68
CA ALA B 67 -12.26 10.17 -7.26
C ALA B 67 -13.76 10.32 -6.91
N VAL B 68 -14.39 11.36 -7.46
CA VAL B 68 -15.78 11.63 -7.19
C VAL B 68 -16.63 10.52 -7.82
N LYS B 69 -16.24 10.11 -9.02
CA LYS B 69 -16.96 9.06 -9.74
C LYS B 69 -16.91 7.74 -8.98
N GLU B 70 -15.71 7.38 -8.51
CA GLU B 70 -15.49 6.09 -7.84
C GLU B 70 -15.89 6.05 -6.36
N ASN B 71 -15.97 7.20 -5.69
CA ASN B 71 -16.32 7.24 -4.24
C ASN B 71 -17.59 8.01 -3.85
N ASP B 72 -18.33 8.54 -4.83
CA ASP B 72 -19.51 9.41 -4.59
C ASP B 72 -19.20 10.57 -3.62
N TYR B 73 -18.00 11.09 -3.70
CA TYR B 73 -17.66 12.23 -2.87
C TYR B 73 -18.45 13.46 -3.31
N ASP B 74 -19.09 14.14 -2.34
CA ASP B 74 -19.85 15.36 -2.62
C ASP B 74 -18.96 16.60 -2.35
N PHE B 75 -18.01 16.81 -3.27
CA PHE B 75 -16.99 17.88 -3.18
C PHE B 75 -17.14 18.86 -4.34
N VAL B 76 -16.46 19.99 -4.23
CA VAL B 76 -16.40 20.97 -5.32
C VAL B 76 -14.98 21.50 -5.50
N ASN B 77 -14.70 21.92 -6.72
CA ASN B 77 -13.43 22.53 -7.04
C ASN B 77 -13.48 24.02 -6.70
N ALA B 78 -12.69 24.43 -5.71
CA ALA B 78 -12.62 25.83 -5.32
C ALA B 78 -11.58 26.68 -6.09
N GLY B 79 -10.79 26.06 -6.97
CA GLY B 79 -9.94 26.80 -7.89
C GLY B 79 -8.55 26.17 -8.09
N ALA B 80 -8.05 26.24 -9.32
CA ALA B 80 -6.74 25.77 -9.67
C ALA B 80 -5.69 26.75 -9.14
N ILE B 81 -4.61 26.19 -8.58
CA ILE B 81 -3.51 26.98 -8.00
C ILE B 81 -2.21 26.88 -8.80
N HIS B 82 -1.84 25.66 -9.22
CA HIS B 82 -0.55 25.44 -9.90
C HIS B 82 -0.48 24.18 -10.71
N LEU B 83 0.49 24.14 -11.62
CA LEU B 83 0.76 22.98 -12.50
C LEU B 83 2.10 22.35 -12.10
N GLU B 84 2.19 21.02 -12.30
CA GLU B 84 3.43 20.27 -12.08
C GLU B 84 3.72 19.41 -13.32
N PRO B 85 4.35 19.99 -14.35
CA PRO B 85 4.71 19.22 -15.54
C PRO B 85 5.43 17.94 -15.10
N VAL B 86 4.86 16.78 -15.48
CA VAL B 86 5.33 15.49 -15.03
C VAL B 86 6.47 14.99 -15.89
N GLY B 87 7.43 14.35 -15.24
CA GLY B 87 8.56 13.77 -15.90
C GLY B 87 8.71 12.25 -15.82
N LEU B 88 9.46 11.74 -16.80
CA LEU B 88 9.93 10.38 -16.82
C LEU B 88 11.39 10.46 -16.39
N TYR B 89 11.78 9.56 -15.49
CA TYR B 89 13.10 9.54 -14.87
C TYR B 89 13.74 8.16 -15.05
N SER B 90 15.05 8.13 -15.15
CA SER B 90 15.81 6.88 -15.27
C SER B 90 17.21 7.13 -14.86
N LYS B 91 17.78 6.21 -14.09
CA LYS B 91 19.22 6.26 -13.80
C LYS B 91 20.05 5.66 -14.92
N LYS B 92 19.49 4.71 -15.66
CA LYS B 92 20.23 3.94 -16.67
C LYS B 92 20.27 4.60 -18.04
N TYR B 93 19.13 5.12 -18.48
CA TYR B 93 19.00 5.67 -19.81
C TYR B 93 18.83 7.18 -19.69
N LYS B 94 19.68 7.94 -20.40
CA LYS B 94 19.67 9.41 -20.29
C LYS B 94 18.76 10.13 -21.32
N SER B 95 18.17 9.36 -22.22
CA SER B 95 17.23 9.87 -23.20
C SER B 95 16.26 8.77 -23.61
N LEU B 96 15.06 9.15 -24.03
CA LEU B 96 14.05 8.19 -24.49
C LEU B 96 14.55 7.39 -25.68
N GLN B 97 15.30 8.01 -26.59
CA GLN B 97 15.76 7.35 -27.82
CA GLN B 97 15.77 7.34 -27.82
C GLN B 97 16.73 6.18 -27.54
N GLU B 98 17.43 6.26 -26.39
CA GLU B 98 18.36 5.21 -25.95
C GLU B 98 17.66 3.98 -25.41
N ILE B 99 16.40 4.11 -25.01
CA ILE B 99 15.64 2.99 -24.40
C ILE B 99 15.52 1.81 -25.38
N PRO B 100 15.91 0.61 -24.91
CA PRO B 100 15.83 -0.55 -25.80
C PRO B 100 14.40 -0.88 -26.15
N ASP B 101 14.20 -1.43 -27.33
CA ASP B 101 12.89 -1.88 -27.73
C ASP B 101 12.40 -2.88 -26.69
N GLY B 102 11.11 -2.86 -26.41
CA GLY B 102 10.53 -3.83 -25.47
C GLY B 102 10.76 -3.50 -24.02
N SER B 103 11.36 -2.36 -23.73
CA SER B 103 11.54 -1.96 -22.35
C SER B 103 10.20 -1.65 -21.68
N THR B 104 10.17 -1.80 -20.36
CA THR B 104 9.00 -1.48 -19.55
C THR B 104 9.12 -0.08 -18.94
N ILE B 105 8.05 0.72 -19.09
CA ILE B 105 7.93 2.04 -18.52
C ILE B 105 6.99 1.85 -17.31
N TYR B 106 7.47 2.27 -16.15
CA TYR B 106 6.71 2.14 -14.91
C TYR B 106 5.94 3.41 -14.64
N VAL B 107 4.63 3.27 -14.47
CA VAL B 107 3.73 4.38 -14.13
C VAL B 107 2.87 3.95 -12.92
N SER B 108 2.31 4.90 -12.17
CA SER B 108 1.48 4.54 -11.03
C SER B 108 0.14 3.95 -11.52
N SER B 109 -0.62 3.40 -10.59
CA SER B 109 -1.95 2.84 -10.83
C SER B 109 -3.03 3.94 -11.01
N SER B 110 -2.67 5.22 -10.89
CA SER B 110 -3.62 6.35 -10.96
C SER B 110 -3.93 6.57 -12.42
N VAL B 111 -5.11 6.08 -12.85
CA VAL B 111 -5.47 6.06 -14.25
C VAL B 111 -5.50 7.45 -14.88
N SER B 112 -5.84 8.47 -14.10
CA SER B 112 -5.91 9.81 -14.65
C SER B 112 -4.55 10.43 -15.03
N ASP B 113 -3.44 9.84 -14.58
CA ASP B 113 -2.11 10.27 -15.05
C ASP B 113 -1.64 9.49 -16.30
N TRP B 114 -2.37 8.45 -16.70
CA TRP B 114 -1.94 7.63 -17.83
C TRP B 114 -1.83 8.40 -19.12
N PRO B 115 -2.80 9.29 -19.41
CA PRO B 115 -2.68 10.09 -20.62
C PRO B 115 -1.43 11.00 -20.71
N ARG B 116 -0.87 11.32 -19.56
CA ARG B 116 0.35 12.18 -19.47
C ARG B 116 1.60 11.46 -19.98
N VAL B 117 1.83 10.21 -19.56
CA VAL B 117 2.97 9.46 -20.09
C VAL B 117 2.74 9.19 -21.60
N LEU B 118 1.49 8.94 -21.99
CA LEU B 118 1.14 8.73 -23.41
C LEU B 118 1.42 10.00 -24.27
N THR B 119 1.12 11.21 -23.73
CA THR B 119 1.41 12.47 -24.45
CA THR B 119 1.38 12.44 -24.49
C THR B 119 2.91 12.72 -24.54
N ILE B 120 3.64 12.39 -23.49
CA ILE B 120 5.12 12.53 -23.51
C ILE B 120 5.69 11.64 -24.63
N LEU B 121 5.30 10.37 -24.66
CA LEU B 121 5.78 9.44 -25.71
C LEU B 121 5.33 9.86 -27.14
N GLU B 122 4.10 10.37 -27.26
CA GLU B 122 3.60 10.95 -28.54
C GLU B 122 4.44 12.17 -28.98
N ASP B 123 4.72 13.09 -28.06
CA ASP B 123 5.56 14.28 -28.38
C ASP B 123 6.93 13.86 -28.88
N ALA B 124 7.47 12.78 -28.29
CA ALA B 124 8.73 12.18 -28.70
C ALA B 124 8.66 11.42 -30.03
N GLY B 125 7.46 11.18 -30.54
CA GLY B 125 7.27 10.47 -31.79
C GLY B 125 7.36 8.98 -31.67
N LEU B 126 7.30 8.46 -30.44
CA LEU B 126 7.46 7.01 -30.17
C LEU B 126 6.16 6.23 -30.19
N ILE B 127 5.03 6.90 -29.96
CA ILE B 127 3.73 6.26 -30.08
C ILE B 127 2.67 7.17 -30.72
N THR B 128 1.62 6.56 -31.26
CA THR B 128 0.40 7.26 -31.66
C THR B 128 -0.76 6.56 -30.95
N LEU B 129 -1.87 7.27 -30.79
CA LEU B 129 -3.08 6.68 -30.18
C LEU B 129 -4.04 6.34 -31.30
N LYS B 130 -4.92 5.36 -31.09
CA LYS B 130 -5.86 4.93 -32.14
C LYS B 130 -6.80 6.06 -32.52
N GLU B 131 -7.24 6.03 -33.78
CA GLU B 131 -8.22 6.96 -34.32
C GLU B 131 -9.51 6.93 -33.50
N GLY B 132 -10.00 8.11 -33.15
CA GLY B 132 -11.23 8.25 -32.40
C GLY B 132 -11.11 7.84 -30.95
N VAL B 133 -9.90 7.88 -30.40
CA VAL B 133 -9.67 7.62 -28.98
C VAL B 133 -10.08 8.86 -28.20
N ASP B 134 -10.71 8.66 -27.05
CA ASP B 134 -10.96 9.79 -26.13
C ASP B 134 -9.67 10.08 -25.35
N ARG B 135 -9.00 11.17 -25.69
CA ARG B 135 -7.69 11.52 -25.08
C ARG B 135 -7.68 11.86 -23.59
N THR B 136 -8.84 12.27 -23.06
CA THR B 136 -8.97 12.61 -21.64
C THR B 136 -8.86 11.36 -20.73
N THR B 137 -9.38 10.22 -21.22
CA THR B 137 -9.40 8.95 -20.47
C THR B 137 -8.59 7.86 -21.21
N ALA B 138 -7.50 8.28 -21.87
CA ALA B 138 -6.70 7.35 -22.65
C ALA B 138 -6.04 6.32 -21.73
N THR B 139 -5.96 5.09 -22.25
CA THR B 139 -5.24 4.01 -21.57
C THR B 139 -4.27 3.39 -22.55
N PHE B 140 -3.45 2.48 -22.05
CA PHE B 140 -2.39 1.88 -22.85
C PHE B 140 -2.94 1.03 -23.99
N ASP B 141 -4.15 0.53 -23.81
CA ASP B 141 -4.86 -0.20 -24.85
C ASP B 141 -5.24 0.70 -26.04
N ASP B 142 -5.16 2.01 -25.86
CA ASP B 142 -5.44 2.96 -26.94
C ASP B 142 -4.25 3.21 -27.88
N ILE B 143 -3.09 2.65 -27.57
CA ILE B 143 -1.88 2.78 -28.40
C ILE B 143 -2.07 2.09 -29.74
N ASP B 144 -1.72 2.82 -30.79
CA ASP B 144 -1.75 2.35 -32.16
C ASP B 144 -0.29 2.09 -32.60
N LYS B 145 0.44 3.11 -33.05
CA LYS B 145 1.87 2.94 -33.38
C LYS B 145 2.65 2.91 -32.06
N ASN B 146 3.62 1.98 -31.98
CA ASN B 146 4.52 1.84 -30.84
C ASN B 146 5.86 1.41 -31.42
N THR B 147 6.66 2.42 -31.79
CA THR B 147 7.89 2.21 -32.54
CA THR B 147 7.88 2.16 -32.55
C THR B 147 8.92 1.34 -31.79
N LYS B 148 9.12 1.63 -30.51
CA LYS B 148 10.03 0.83 -29.69
C LYS B 148 9.35 -0.37 -28.99
N LYS B 149 8.08 -0.65 -29.30
CA LYS B 149 7.32 -1.74 -28.66
C LYS B 149 7.45 -1.66 -27.13
N LEU B 150 7.29 -0.46 -26.60
CA LEU B 150 7.35 -0.23 -25.16
C LEU B 150 6.20 -0.95 -24.41
N LYS B 151 6.52 -1.45 -23.23
CA LYS B 151 5.58 -2.09 -22.33
C LYS B 151 5.34 -1.15 -21.15
N PHE B 152 4.19 -1.32 -20.52
CA PHE B 152 3.82 -0.47 -19.40
C PHE B 152 3.47 -1.28 -18.19
N ASN B 153 4.08 -0.94 -17.07
CA ASN B 153 3.65 -1.50 -15.79
C ASN B 153 2.98 -0.37 -15.00
N HIS B 154 1.70 -0.56 -14.70
CA HIS B 154 0.88 0.42 -13.96
C HIS B 154 0.33 -0.13 -12.63
N GLU B 155 1.08 -1.00 -11.98
CA GLU B 155 0.61 -1.68 -10.76
C GLU B 155 0.83 -0.89 -9.47
N SER B 156 1.88 -0.10 -9.39
CA SER B 156 2.30 0.48 -8.13
C SER B 156 1.64 1.82 -7.72
N ASP B 157 1.58 2.07 -6.42
CA ASP B 157 1.01 3.30 -5.89
C ASP B 157 1.87 4.49 -6.25
N PRO B 158 1.25 5.67 -6.43
CA PRO B 158 2.02 6.89 -6.71
C PRO B 158 3.13 7.19 -5.70
N ALA B 159 2.90 6.89 -4.41
CA ALA B 159 3.90 7.11 -3.36
C ALA B 159 5.14 6.23 -3.50
N ILE B 160 5.11 5.17 -4.30
CA ILE B 160 6.30 4.31 -4.36
C ILE B 160 7.10 4.47 -5.67
N THR B 162 9.11 6.83 -6.70
CA THR B 162 10.50 7.20 -6.43
C THR B 162 11.34 5.98 -5.97
N THR B 163 10.71 5.00 -5.30
CA THR B 163 11.42 3.77 -4.91
C THR B 163 11.77 2.92 -6.13
N LEU B 164 10.81 2.79 -7.04
CA LEU B 164 11.06 2.04 -8.31
C LEU B 164 12.22 2.69 -9.09
N TYR B 165 12.21 4.03 -9.16
CA TYR B 165 13.28 4.79 -9.79
C TYR B 165 14.62 4.50 -9.11
N ASP B 166 14.64 4.62 -7.78
CA ASP B 166 15.85 4.38 -6.98
C ASP B 166 16.40 2.97 -7.17
N ASN B 167 15.50 1.98 -7.18
CA ASN B 167 15.85 0.58 -7.35
C ASN B 167 16.12 0.20 -8.80
N GLU B 168 15.97 1.15 -9.73
CA GLU B 168 16.21 0.95 -11.14
C GLU B 168 15.37 -0.18 -11.71
N GLU B 169 14.11 -0.19 -11.34
CA GLU B 169 13.14 -1.12 -11.90
C GLU B 169 12.60 -0.50 -13.18
N GLY B 170 12.71 -1.21 -14.30
CA GLY B 170 12.28 -0.68 -15.60
C GLY B 170 13.29 0.23 -16.30
N ALA B 171 12.97 0.63 -17.52
CA ALA B 171 13.82 1.56 -18.30
C ALA B 171 13.64 3.00 -17.79
N ALA B 172 12.43 3.30 -17.32
CA ALA B 172 12.08 4.65 -16.87
C ALA B 172 10.82 4.64 -16.05
N VAL B 173 10.65 5.67 -15.22
CA VAL B 173 9.59 5.75 -14.24
C VAL B 173 8.89 7.12 -14.33
N LEU B 174 7.55 7.16 -14.43
CA LEU B 174 6.78 8.43 -14.31
C LEU B 174 6.59 8.76 -12.82
N ILE B 175 7.10 9.89 -12.37
CA ILE B 175 7.03 10.28 -10.95
C ILE B 175 6.30 11.60 -10.89
N ASN B 176 5.21 11.68 -10.12
CA ASN B 176 4.49 12.96 -9.97
C ASN B 176 5.52 13.94 -9.34
N SER B 177 5.54 15.16 -9.83
CA SER B 177 6.56 16.13 -9.37
C SER B 177 6.59 16.40 -7.87
N ASN B 178 5.46 16.32 -7.19
CA ASN B 178 5.42 16.53 -5.74
C ASN B 178 6.34 15.54 -5.02
N PHE B 179 6.29 14.27 -5.44
CA PHE B 179 7.15 13.25 -4.93
C PHE B 179 8.58 13.42 -5.41
N ALA B 180 8.77 13.74 -6.71
CA ALA B 180 10.11 13.91 -7.29
C ALA B 180 10.85 15.05 -6.56
N VAL B 181 10.19 16.20 -6.44
CA VAL B 181 10.79 17.39 -5.77
C VAL B 181 11.14 17.12 -4.33
N ASP B 182 10.27 16.43 -3.60
CA ASP B 182 10.55 16.10 -2.19
C ASP B 182 11.77 15.20 -2.05
N GLN B 183 12.02 14.34 -3.04
CA GLN B 183 13.23 13.50 -3.03
C GLN B 183 14.45 14.19 -3.61
N GLY B 184 14.38 15.49 -3.86
CA GLY B 184 15.51 16.26 -4.36
C GLY B 184 15.72 16.24 -5.86
N LEU B 185 14.74 15.75 -6.64
CA LEU B 185 14.85 15.77 -8.08
C LEU B 185 14.29 17.14 -8.59
N ASN B 186 14.93 17.68 -9.62
CA ASN B 186 14.44 18.86 -10.33
C ASN B 186 13.92 18.38 -11.67
N PRO B 187 12.59 18.37 -11.84
CA PRO B 187 11.98 17.90 -13.11
C PRO B 187 12.52 18.52 -14.39
N LYS B 188 12.83 19.82 -14.38
CA LYS B 188 13.30 20.51 -15.58
C LYS B 188 14.75 20.13 -15.97
N LYS B 189 15.51 19.54 -15.04
CA LYS B 189 16.91 19.20 -15.22
C LYS B 189 17.17 17.71 -15.19
N ASP B 190 16.50 16.98 -14.29
CA ASP B 190 16.72 15.55 -14.05
C ASP B 190 15.89 14.58 -14.87
N ALA B 191 14.72 14.99 -15.33
CA ALA B 191 13.87 14.11 -16.13
C ALA B 191 14.46 13.87 -17.50
N ILE B 192 14.27 12.66 -18.06
CA ILE B 192 14.71 12.39 -19.44
C ILE B 192 13.70 12.89 -20.48
N ALA B 193 12.46 13.10 -20.07
CA ALA B 193 11.38 13.63 -20.93
C ALA B 193 10.38 14.29 -19.99
N LEU B 194 9.79 15.39 -20.42
CA LEU B 194 8.89 16.17 -19.58
C LEU B 194 7.63 16.57 -20.35
N GLU B 195 6.51 16.48 -19.67
CA GLU B 195 5.21 16.92 -20.18
C GLU B 195 5.28 18.37 -20.62
N LYS B 196 4.69 18.68 -21.76
CA LYS B 196 4.85 20.04 -22.32
C LYS B 196 3.66 20.94 -22.06
N GLU B 197 2.45 20.41 -22.15
CA GLU B 197 1.23 21.17 -21.90
C GLU B 197 0.51 20.52 -20.68
N SER B 198 0.69 21.11 -19.51
CA SER B 198 0.19 20.56 -18.25
CA SER B 198 0.17 20.55 -18.25
C SER B 198 -1.10 21.22 -17.75
N SER B 199 -1.64 22.16 -18.54
CA SER B 199 -2.79 22.97 -18.16
CA SER B 199 -2.76 22.97 -18.10
C SER B 199 -3.98 22.20 -17.60
N PRO B 200 -4.36 21.06 -18.27
CA PRO B 200 -5.47 20.30 -17.70
C PRO B 200 -5.13 19.63 -16.36
N TYR B 201 -3.85 19.56 -15.98
CA TYR B 201 -3.41 18.96 -14.71
C TYR B 201 -3.10 19.96 -13.59
N ALA B 202 -3.75 21.11 -13.60
CA ALA B 202 -3.61 22.08 -12.55
C ALA B 202 -4.11 21.48 -11.23
N ASN B 203 -3.36 21.68 -10.18
CA ASN B 203 -3.65 21.20 -8.83
C ASN B 203 -4.58 22.22 -8.16
N ILE B 204 -5.64 21.72 -7.52
CA ILE B 204 -6.73 22.57 -7.01
C ILE B 204 -6.88 22.54 -5.49
N ILE B 205 -7.67 23.50 -5.00
CA ILE B 205 -8.19 23.44 -3.65
C ILE B 205 -9.56 22.79 -3.79
N ALA B 206 -9.81 21.73 -3.02
CA ALA B 206 -11.11 21.05 -3.02
C ALA B 206 -11.77 21.20 -1.64
N VAL B 207 -13.08 21.31 -1.60
CA VAL B 207 -13.86 21.42 -0.35
C VAL B 207 -15.13 20.60 -0.50
N ARG B 208 -15.84 20.40 0.61
CA ARG B 208 -17.17 19.72 0.56
C ARG B 208 -18.14 20.71 -0.07
N LYS B 209 -19.14 20.17 -0.77
CA LYS B 209 -20.11 21.01 -1.48
C LYS B 209 -20.75 22.08 -0.57
N GLU B 210 -21.09 21.75 0.66
CA GLU B 210 -21.73 22.69 1.57
C GLU B 210 -20.87 23.92 1.89
N ASP B 211 -19.57 23.80 1.73
CA ASP B 211 -18.61 24.92 1.87
C ASP B 211 -18.17 25.59 0.57
N GLU B 212 -18.91 25.37 -0.51
CA GLU B 212 -18.60 25.93 -1.83
C GLU B 212 -18.49 27.46 -1.79
N ASN B 213 -19.33 28.11 -1.00
CA ASN B 213 -19.30 29.58 -0.87
C ASN B 213 -18.56 30.08 0.37
N ASN B 214 -17.72 29.25 0.97
CA ASN B 214 -17.04 29.62 2.19
C ASN B 214 -16.06 30.75 1.90
N GLU B 215 -16.20 31.86 2.61
CA GLU B 215 -15.41 33.07 2.37
C GLU B 215 -13.92 32.86 2.68
N ASN B 216 -13.63 32.04 3.70
CA ASN B 216 -12.23 31.80 4.07
C ASN B 216 -11.46 30.99 3.06
N VAL B 217 -12.16 30.02 2.46
CA VAL B 217 -11.60 29.23 1.37
C VAL B 217 -11.25 30.17 0.19
N LYS B 218 -12.13 31.12 -0.08
CA LYS B 218 -11.89 32.09 -1.13
C LYS B 218 -10.69 32.98 -0.78
N LYS B 219 -10.56 33.36 0.48
CA LYS B 219 -9.39 34.20 0.90
C LYS B 219 -8.09 33.44 0.61
N LEU B 220 -8.10 32.14 0.91
CA LEU B 220 -6.95 31.26 0.65
C LEU B 220 -6.63 31.19 -0.81
N VAL B 221 -7.62 30.91 -1.63
CA VAL B 221 -7.38 30.83 -3.07
C VAL B 221 -6.79 32.12 -3.63
N LYS B 222 -7.31 33.29 -3.19
CA LYS B 222 -6.87 34.57 -3.69
C LYS B 222 -5.40 34.82 -3.29
N VAL B 223 -5.06 34.48 -2.05
CA VAL B 223 -3.68 34.69 -1.57
C VAL B 223 -2.74 33.75 -2.37
N LEU B 224 -3.16 32.50 -2.59
CA LEU B 224 -2.33 31.53 -3.27
C LEU B 224 -2.07 31.94 -4.73
N ARG B 225 -2.97 32.73 -5.32
CA ARG B 225 -2.78 33.26 -6.69
C ARG B 225 -2.19 34.65 -6.74
N SER B 226 -2.00 35.29 -5.60
CA SER B 226 -1.48 36.68 -5.59
C SER B 226 -0.09 36.71 -6.19
N LYS B 227 0.26 37.82 -6.83
CA LYS B 227 1.53 37.98 -7.55
C LYS B 227 2.75 37.65 -6.67
N GLU B 228 2.81 38.18 -5.46
CA GLU B 228 3.98 37.97 -4.57
C GLU B 228 4.14 36.46 -4.28
N VAL B 229 3.03 35.73 -4.10
CA VAL B 229 3.09 34.31 -3.78
C VAL B 229 3.47 33.51 -5.02
N GLN B 230 2.87 33.84 -6.17
CA GLN B 230 3.25 33.17 -7.42
C GLN B 230 4.75 33.34 -7.73
N ASP B 231 5.28 34.55 -7.58
CA ASP B 231 6.74 34.80 -7.82
C ASP B 231 7.62 33.95 -6.88
N TRP B 232 7.20 33.85 -5.61
CA TRP B 232 7.91 33.04 -4.63
C TRP B 232 7.92 31.59 -5.04
N ILE B 233 6.76 31.08 -5.48
CA ILE B 233 6.65 29.71 -5.94
C ILE B 233 7.62 29.47 -7.11
N THR B 234 7.59 30.37 -8.08
CA THR B 234 8.47 30.27 -9.26
C THR B 234 9.97 30.25 -8.92
N LYS B 235 10.35 31.08 -7.96
CA LYS B 235 11.73 31.15 -7.49
C LYS B 235 12.12 29.91 -6.67
N LYS B 236 11.23 29.48 -5.78
CA LYS B 236 11.47 28.35 -4.90
C LYS B 236 11.87 27.06 -5.62
N TRP B 237 11.08 26.66 -6.61
CA TRP B 237 11.29 25.40 -7.33
C TRP B 237 11.76 25.54 -8.78
N ASN B 238 12.27 26.72 -9.10
CA ASN B 238 12.90 27.05 -10.38
C ASN B 238 12.11 26.69 -11.62
N GLY B 239 10.83 27.02 -11.60
CA GLY B 239 9.95 26.71 -12.72
C GLY B 239 9.35 25.33 -12.77
N ALA B 240 9.73 24.41 -11.89
CA ALA B 240 9.12 23.08 -11.87
C ALA B 240 7.65 23.13 -11.42
N ILE B 241 7.35 24.11 -10.58
CA ILE B 241 5.98 24.30 -10.06
C ILE B 241 5.55 25.60 -10.73
N VAL B 242 4.46 25.54 -11.48
CA VAL B 242 4.06 26.66 -12.36
C VAL B 242 2.70 27.22 -11.83
N PRO B 243 2.74 28.38 -11.19
CA PRO B 243 1.50 29.02 -10.75
C PRO B 243 0.54 29.31 -11.90
N VAL B 244 -0.76 29.17 -11.62
CA VAL B 244 -1.81 29.61 -12.53
C VAL B 244 -2.81 30.55 -11.88
N ASN B 245 -3.48 31.33 -12.70
CA ASN B 245 -4.46 32.34 -12.27
C ASN B 245 -5.95 31.92 -12.32
N GLU B 246 -6.25 30.78 -12.88
CA GLU B 246 -7.64 30.37 -13.13
C GLU B 246 -7.59 28.87 -13.36
#